data_9HGC
#
_entry.id   9HGC
#
_cell.length_a   51.290
_cell.length_b   116.810
_cell.length_c   116.830
_cell.angle_alpha   90.000
_cell.angle_beta   90.000
_cell.angle_gamma   90.000
#
_symmetry.space_group_name_H-M   'P 21 21 21'
#
loop_
_entity.id
_entity.type
_entity.pdbx_description
1 polymer 'Gamma-aminobutyric acid receptor-associated protein-like 1'
2 polymer GAB_D8
3 non-polymer 'SULFATE ION'
4 non-polymer GLYCEROL
5 water water
#
loop_
_entity_poly.entity_id
_entity_poly.type
_entity_poly.pdbx_seq_one_letter_code
_entity_poly.pdbx_strand_id
1 'polypeptide(L)'
;GSMKFQYKEDHPFEYRKKEGEKIRKKYPDRVPVIVEKAPKARVPDLDKRKYLVPSDLTVGQFYFLIRKRIHLRPEDALFF
FVNNTIPPTSATMGQLYEDNHEEDYFLYVAYSDESVYGK
;
A,C,E,G
2 'polypeptide(L)' GSEYEEDGWTVLEPD B,D,F,H
#
loop_
_chem_comp.id
_chem_comp.type
_chem_comp.name
_chem_comp.formula
GOL non-polymer GLYCEROL 'C3 H8 O3'
SO4 non-polymer 'SULFATE ION' 'O4 S -2'
#
# COMPACT_ATOMS: atom_id res chain seq x y z
N GLY A 1 6.17 -0.53 -0.33
CA GLY A 1 5.10 -1.30 0.28
C GLY A 1 5.40 -2.78 0.38
N SER A 2 5.52 -3.44 -0.77
CA SER A 2 5.83 -4.87 -0.80
C SER A 2 7.28 -5.15 -0.43
N MET A 3 8.14 -4.13 -0.41
CA MET A 3 9.56 -4.28 -0.06
C MET A 3 10.26 -5.27 -0.98
N LYS A 4 9.86 -5.31 -2.25
CA LYS A 4 10.47 -6.19 -3.25
C LYS A 4 11.14 -5.41 -4.36
N PHE A 5 10.40 -4.58 -5.09
CA PHE A 5 10.96 -3.75 -6.15
C PHE A 5 11.47 -2.44 -5.57
N GLN A 6 12.60 -1.97 -6.11
CA GLN A 6 13.20 -0.75 -5.59
C GLN A 6 12.52 0.51 -6.12
N TYR A 7 11.86 0.42 -7.28
CA TYR A 7 11.18 1.59 -7.83
C TYR A 7 10.04 2.05 -6.94
N LYS A 8 9.40 1.12 -6.23
CA LYS A 8 8.33 1.50 -5.31
C LYS A 8 8.87 2.23 -4.08
N GLU A 9 10.12 1.94 -3.70
CA GLU A 9 10.72 2.54 -2.52
C GLU A 9 11.45 3.85 -2.82
N ASP A 10 11.85 4.08 -4.07
CA ASP A 10 12.56 5.28 -4.45
C ASP A 10 11.63 6.43 -4.85
N HIS A 11 10.35 6.15 -5.09
CA HIS A 11 9.40 7.16 -5.52
C HIS A 11 8.10 6.98 -4.74
N PRO A 12 7.47 8.08 -4.31
CA PRO A 12 6.23 7.97 -3.56
C PRO A 12 5.10 7.41 -4.40
N PHE A 13 4.08 6.89 -3.72
CA PHE A 13 2.93 6.32 -4.42
C PHE A 13 2.13 7.38 -5.15
N GLU A 14 2.07 8.60 -4.61
N GLU A 14 2.09 8.60 -4.63
CA GLU A 14 1.33 9.67 -5.27
CA GLU A 14 1.30 9.65 -5.28
C GLU A 14 1.96 10.05 -6.60
C GLU A 14 1.97 10.11 -6.59
N TYR A 15 3.30 10.08 -6.64
CA TYR A 15 3.98 10.40 -7.90
C TYR A 15 3.91 9.24 -8.88
N ARG A 16 3.91 8.00 -8.39
CA ARG A 16 3.79 6.84 -9.26
C ARG A 16 2.38 6.65 -9.79
N LYS A 17 1.37 7.04 -9.01
CA LYS A 17 -0.01 6.96 -9.50
C LYS A 17 -0.27 8.00 -10.58
N LYS A 18 0.12 9.25 -10.31
CA LYS A 18 -0.06 10.31 -11.30
C LYS A 18 0.83 10.12 -12.53
N GLU A 19 1.95 9.41 -12.38
CA GLU A 19 2.77 9.09 -13.55
C GLU A 19 2.10 8.00 -14.39
N GLY A 20 1.46 7.03 -13.73
CA GLY A 20 0.76 5.99 -14.47
C GLY A 20 -0.47 6.51 -15.17
N GLU A 21 -1.28 7.30 -14.47
CA GLU A 21 -2.49 7.86 -15.08
C GLU A 21 -2.14 8.87 -16.18
N LYS A 22 -0.99 9.54 -16.08
CA LYS A 22 -0.57 10.44 -17.14
C LYS A 22 -0.15 9.67 -18.38
N ILE A 23 0.66 8.61 -18.20
CA ILE A 23 1.15 7.84 -19.33
C ILE A 23 0.07 6.94 -19.92
N ARG A 24 -1.01 6.67 -19.19
CA ARG A 24 -2.08 5.83 -19.71
C ARG A 24 -3.04 6.63 -20.58
N LYS A 25 -3.49 7.79 -20.09
CA LYS A 25 -4.38 8.64 -20.88
C LYS A 25 -3.68 9.32 -22.03
N LYS A 26 -2.36 9.20 -22.13
CA LYS A 26 -1.58 9.77 -23.22
C LYS A 26 -1.23 8.75 -24.30
N TYR A 27 -0.82 7.54 -23.89
CA TYR A 27 -0.47 6.46 -24.80
C TYR A 27 -1.33 5.25 -24.45
N PRO A 28 -2.58 5.21 -24.92
CA PRO A 28 -3.47 4.11 -24.53
C PRO A 28 -3.08 2.77 -25.11
N ASP A 29 -2.47 2.73 -26.28
CA ASP A 29 -2.09 1.48 -26.92
C ASP A 29 -0.75 0.94 -26.43
N ARG A 30 -0.28 1.38 -25.26
CA ARG A 30 0.96 0.89 -24.68
C ARG A 30 0.78 0.74 -23.18
N VAL A 31 1.68 -0.01 -22.56
CA VAL A 31 1.60 -0.30 -21.13
C VAL A 31 2.91 0.06 -20.46
N PRO A 32 2.88 0.70 -19.28
CA PRO A 32 4.13 0.97 -18.54
C PRO A 32 4.56 -0.26 -17.75
N VAL A 33 5.80 -0.69 -17.97
CA VAL A 33 6.34 -1.89 -17.33
C VAL A 33 7.70 -1.53 -16.74
N ILE A 34 7.82 -1.67 -15.43
CA ILE A 34 9.08 -1.42 -14.72
C ILE A 34 9.84 -2.74 -14.66
N VAL A 35 11.02 -2.77 -15.28
CA VAL A 35 11.87 -3.96 -15.31
C VAL A 35 13.02 -3.74 -14.35
N GLU A 36 13.20 -4.69 -13.43
CA GLU A 36 14.28 -4.62 -12.44
C GLU A 36 14.86 -6.01 -12.25
N LYS A 37 16.03 -6.05 -11.62
CA LYS A 37 16.74 -7.30 -11.41
C LYS A 37 16.14 -8.08 -10.24
N ALA A 38 16.60 -9.31 -10.08
CA ALA A 38 16.25 -10.18 -8.97
C ALA A 38 17.18 -9.95 -7.80
N PRO A 39 16.79 -10.34 -6.58
CA PRO A 39 17.67 -10.12 -5.42
C PRO A 39 19.00 -10.86 -5.52
N LYS A 40 20.06 -10.10 -5.79
CA LYS A 40 21.43 -10.64 -5.85
C LYS A 40 21.55 -11.78 -6.84
N ALA A 41 20.91 -11.65 -7.99
CA ALA A 41 21.09 -12.61 -9.07
C ALA A 41 22.35 -12.29 -9.85
N ARG A 42 23.02 -13.34 -10.33
CA ARG A 42 24.28 -13.18 -11.07
C ARG A 42 23.97 -12.81 -12.52
N VAL A 43 23.57 -11.55 -12.68
CA VAL A 43 23.15 -11.03 -13.98
C VAL A 43 23.36 -9.51 -13.95
N PRO A 44 23.85 -8.90 -15.03
CA PRO A 44 24.02 -7.44 -15.03
C PRO A 44 22.72 -6.71 -14.74
N ASP A 45 22.85 -5.56 -14.09
CA ASP A 45 21.70 -4.75 -13.72
C ASP A 45 21.33 -3.83 -14.87
N LEU A 46 20.04 -3.53 -14.99
CA LEU A 46 19.50 -2.73 -16.08
C LEU A 46 19.26 -1.32 -15.56
N ASP A 47 20.14 -0.38 -15.96
CA ASP A 47 20.01 1.00 -15.50
C ASP A 47 18.71 1.62 -15.98
N LYS A 48 18.32 1.37 -17.23
CA LYS A 48 17.03 1.79 -17.73
C LYS A 48 15.96 0.87 -17.14
N ARG A 49 14.97 1.44 -16.47
CA ARG A 49 13.95 0.66 -15.79
C ARG A 49 12.55 0.92 -16.30
N LYS A 50 12.23 2.16 -16.67
CA LYS A 50 10.90 2.49 -17.18
C LYS A 50 10.83 2.09 -18.65
N TYR A 51 9.94 1.14 -18.97
CA TYR A 51 9.79 0.65 -20.34
C TYR A 51 8.32 0.76 -20.75
N LEU A 52 8.09 1.41 -21.88
CA LEU A 52 6.74 1.57 -22.43
C LEU A 52 6.66 0.75 -23.72
N VAL A 53 6.08 -0.44 -23.61
CA VAL A 53 5.97 -1.35 -24.75
C VAL A 53 4.50 -1.40 -25.19
N PRO A 54 4.21 -1.73 -26.44
CA PRO A 54 2.81 -1.78 -26.87
C PRO A 54 2.05 -2.91 -26.18
N SER A 55 0.72 -2.74 -26.15
CA SER A 55 -0.13 -3.70 -25.44
C SER A 55 -0.10 -5.07 -26.11
N ASP A 56 -0.35 -5.13 -27.41
CA ASP A 56 -0.39 -6.40 -28.13
C ASP A 56 0.98 -7.04 -28.28
N LEU A 57 2.05 -6.40 -27.81
CA LEU A 57 3.37 -7.03 -27.83
C LEU A 57 3.40 -8.19 -26.85
N THR A 58 3.91 -9.34 -27.30
CA THR A 58 3.89 -10.54 -26.49
C THR A 58 5.05 -10.56 -25.50
N VAL A 59 4.96 -11.47 -24.53
CA VAL A 59 6.06 -11.64 -23.57
C VAL A 59 7.30 -12.18 -24.27
N GLY A 60 7.11 -12.99 -25.31
CA GLY A 60 8.26 -13.49 -26.05
C GLY A 60 9.07 -12.38 -26.69
N GLN A 61 8.38 -11.38 -27.26
CA GLN A 61 9.09 -10.21 -27.77
C GLN A 61 9.74 -9.41 -26.66
N PHE A 62 9.09 -9.37 -25.49
CA PHE A 62 9.66 -8.62 -24.36
C PHE A 62 10.93 -9.27 -23.84
N TYR A 63 11.03 -10.60 -23.93
CA TYR A 63 12.26 -11.27 -23.52
C TYR A 63 13.43 -10.85 -24.41
N PHE A 64 13.19 -10.72 -25.72
CA PHE A 64 14.26 -10.30 -26.62
C PHE A 64 14.59 -8.83 -26.44
N LEU A 65 13.56 -8.01 -26.19
CA LEU A 65 13.80 -6.58 -25.97
C LEU A 65 14.67 -6.34 -24.74
N ILE A 66 14.34 -7.01 -23.63
CA ILE A 66 15.05 -6.77 -22.38
C ILE A 66 16.45 -7.38 -22.43
N ARG A 67 16.57 -8.60 -22.97
CA ARG A 67 17.87 -9.26 -23.01
C ARG A 67 18.88 -8.47 -23.83
N LYS A 68 18.41 -7.73 -24.83
CA LYS A 68 19.31 -6.87 -25.60
C LYS A 68 19.73 -5.65 -24.78
N ARG A 69 18.84 -5.12 -23.96
CA ARG A 69 19.17 -3.98 -23.12
C ARG A 69 20.21 -4.34 -22.07
N ILE A 70 20.11 -5.56 -21.51
CA ILE A 70 21.03 -5.98 -20.46
C ILE A 70 22.42 -6.28 -21.02
N HIS A 71 22.53 -6.56 -22.32
CA HIS A 71 23.76 -7.07 -22.92
C HIS A 71 24.20 -8.35 -22.21
N LEU A 72 23.23 -9.25 -22.00
CA LEU A 72 23.46 -10.46 -21.22
C LEU A 72 24.46 -11.38 -21.92
N ARG A 73 25.25 -12.08 -21.12
CA ARG A 73 26.18 -13.06 -21.66
C ARG A 73 25.41 -14.18 -22.36
N PRO A 74 25.98 -14.76 -23.42
CA PRO A 74 25.24 -15.77 -24.19
C PRO A 74 25.02 -17.07 -23.45
N GLU A 75 25.77 -17.35 -22.37
CA GLU A 75 25.61 -18.61 -21.67
C GLU A 75 24.38 -18.62 -20.77
N ASP A 76 24.02 -17.48 -20.19
CA ASP A 76 22.94 -17.44 -19.22
C ASP A 76 21.58 -17.44 -19.91
N ALA A 77 20.55 -17.76 -19.14
CA ALA A 77 19.16 -17.69 -19.56
C ALA A 77 18.49 -16.50 -18.88
N LEU A 78 17.28 -16.19 -19.32
CA LEU A 78 16.52 -15.06 -18.81
C LEU A 78 15.11 -15.51 -18.47
N PHE A 79 14.73 -15.35 -17.21
CA PHE A 79 13.41 -15.71 -16.71
C PHE A 79 12.75 -14.49 -16.11
N PHE A 80 11.55 -14.17 -16.58
CA PHE A 80 10.77 -13.06 -16.03
C PHE A 80 9.86 -13.55 -14.92
N PHE A 81 9.44 -12.61 -14.09
CA PHE A 81 8.60 -12.93 -12.93
C PHE A 81 7.54 -11.85 -12.78
N VAL A 82 6.28 -12.21 -13.00
CA VAL A 82 5.14 -11.34 -12.76
C VAL A 82 4.44 -11.87 -11.51
N ASN A 83 4.58 -11.14 -10.40
CA ASN A 83 4.11 -11.59 -9.09
C ASN A 83 4.76 -12.93 -8.72
N ASN A 84 6.08 -13.00 -8.90
CA ASN A 84 6.86 -14.20 -8.64
C ASN A 84 6.34 -15.42 -9.39
N THR A 85 5.76 -15.19 -10.56
CA THR A 85 5.24 -16.26 -11.41
C THR A 85 5.75 -16.02 -12.82
N ILE A 86 6.49 -16.99 -13.37
CA ILE A 86 7.02 -16.90 -14.73
C ILE A 86 5.84 -16.72 -15.69
N PRO A 87 5.74 -15.57 -16.35
CA PRO A 87 4.54 -15.30 -17.14
C PRO A 87 4.50 -16.17 -18.38
N PRO A 88 3.32 -16.50 -18.88
CA PRO A 88 3.22 -17.30 -20.11
C PRO A 88 3.79 -16.53 -21.30
N THR A 89 4.69 -17.19 -22.03
CA THR A 89 5.31 -16.55 -23.18
C THR A 89 4.29 -16.26 -24.27
N SER A 90 3.26 -17.10 -24.40
CA SER A 90 2.22 -16.93 -25.40
C SER A 90 1.21 -15.85 -25.04
N ALA A 91 1.45 -15.08 -23.98
CA ALA A 91 0.55 -14.02 -23.56
C ALA A 91 1.08 -12.67 -24.01
N THR A 92 0.19 -11.67 -23.96
CA THR A 92 0.54 -10.31 -24.34
C THR A 92 0.76 -9.46 -23.09
N MET A 93 1.62 -8.45 -23.23
CA MET A 93 1.87 -7.53 -22.11
C MET A 93 0.62 -6.75 -21.73
N GLY A 94 -0.32 -6.57 -22.66
CA GLY A 94 -1.56 -5.91 -22.32
C GLY A 94 -2.47 -6.74 -21.44
N GLN A 95 -2.48 -8.06 -21.65
CA GLN A 95 -3.25 -8.95 -20.79
C GLN A 95 -2.58 -9.15 -19.44
N LEU A 96 -1.25 -9.16 -19.39
CA LEU A 96 -0.55 -9.24 -18.11
C LEU A 96 -0.73 -7.97 -17.31
N TYR A 97 -0.56 -6.80 -17.95
CA TYR A 97 -0.78 -5.55 -17.27
C TYR A 97 -2.22 -5.43 -16.79
N GLU A 98 -3.18 -5.92 -17.58
CA GLU A 98 -4.58 -5.84 -17.19
C GLU A 98 -4.86 -6.70 -15.96
N ASP A 99 -4.04 -7.73 -15.73
CA ASP A 99 -4.28 -8.68 -14.67
C ASP A 99 -3.26 -8.61 -13.54
N ASN A 100 -2.27 -7.72 -13.62
CA ASN A 100 -1.20 -7.72 -12.64
C ASN A 100 -0.65 -6.34 -12.28
N HIS A 101 -1.19 -5.26 -12.82
CA HIS A 101 -0.67 -3.94 -12.50
C HIS A 101 -1.11 -3.53 -11.10
N GLU A 102 -0.20 -2.92 -10.36
CA GLU A 102 -0.45 -2.53 -8.98
C GLU A 102 -1.32 -1.27 -8.94
N GLU A 103 -1.56 -0.77 -7.72
CA GLU A 103 -2.42 0.40 -7.55
C GLU A 103 -1.83 1.67 -8.13
N ASP A 104 -0.54 1.68 -8.48
CA ASP A 104 0.09 2.82 -9.13
C ASP A 104 0.01 2.74 -10.65
N TYR A 105 -0.75 1.78 -11.19
CA TYR A 105 -0.89 1.58 -12.63
C TYR A 105 0.47 1.32 -13.28
N PHE A 106 1.15 0.29 -12.77
CA PHE A 106 2.46 -0.12 -13.28
C PHE A 106 2.58 -1.63 -13.17
N LEU A 107 3.06 -2.26 -14.23
CA LEU A 107 3.36 -3.69 -14.23
C LEU A 107 4.82 -3.88 -13.87
N TYR A 108 5.09 -4.64 -12.81
CA TYR A 108 6.45 -4.86 -12.33
C TYR A 108 6.92 -6.24 -12.77
N VAL A 109 8.04 -6.26 -13.51
CA VAL A 109 8.62 -7.48 -14.03
C VAL A 109 10.06 -7.57 -13.54
N ALA A 110 10.42 -8.71 -12.97
CA ALA A 110 11.78 -8.97 -12.50
C ALA A 110 12.41 -10.07 -13.34
N TYR A 111 13.68 -9.91 -13.69
CA TYR A 111 14.40 -10.87 -14.49
C TYR A 111 15.50 -11.53 -13.66
N SER A 112 15.83 -12.77 -14.03
CA SER A 112 16.85 -13.52 -13.31
C SER A 112 17.38 -14.63 -14.22
N ASP A 113 18.63 -15.02 -13.99
CA ASP A 113 19.23 -16.13 -14.72
C ASP A 113 18.79 -17.49 -14.19
N GLU A 114 17.91 -17.53 -13.19
CA GLU A 114 17.42 -18.78 -12.64
C GLU A 114 15.98 -18.57 -12.19
N SER A 115 15.16 -19.62 -12.36
CA SER A 115 13.74 -19.54 -12.02
C SER A 115 13.57 -19.57 -10.51
N VAL A 116 13.19 -18.42 -9.93
CA VAL A 116 12.89 -18.37 -8.51
C VAL A 116 11.58 -19.08 -8.21
N TYR A 117 10.55 -18.83 -9.02
CA TYR A 117 9.26 -19.49 -8.87
C TYR A 117 8.50 -19.35 -10.18
N GLY A 118 7.74 -20.38 -10.53
CA GLY A 118 6.97 -20.38 -11.75
C GLY A 118 6.72 -21.77 -12.30
N LYS A 119 7.80 -22.51 -12.52
CA LYS A 119 7.70 -23.88 -13.03
C LYS A 119 8.98 -24.65 -12.74
N GLY B 1 12.11 -3.23 -32.02
CA GLY B 1 13.24 -3.10 -31.13
C GLY B 1 13.81 -1.70 -31.17
N SER B 2 12.97 -0.75 -31.58
CA SER B 2 13.41 0.63 -31.76
C SER B 2 13.58 1.32 -30.41
N GLU B 3 14.68 2.03 -30.25
CA GLU B 3 14.97 2.78 -29.03
C GLU B 3 14.36 4.17 -29.11
N TYR B 4 13.86 4.65 -27.98
CA TYR B 4 13.16 5.93 -27.93
C TYR B 4 13.01 6.38 -26.48
N GLU B 5 13.75 7.42 -26.08
CA GLU B 5 13.74 7.93 -24.72
C GLU B 5 13.03 9.28 -24.73
N GLU B 6 11.82 9.32 -24.16
CA GLU B 6 11.03 10.53 -24.05
C GLU B 6 10.51 10.66 -22.63
N ASP B 7 10.68 11.85 -22.04
CA ASP B 7 10.17 12.16 -20.70
C ASP B 7 10.71 11.18 -19.65
N GLY B 8 11.91 10.66 -19.87
CA GLY B 8 12.48 9.67 -18.97
C GLY B 8 11.80 8.32 -19.08
N TRP B 9 11.86 7.72 -20.26
CA TRP B 9 11.23 6.43 -20.51
C TRP B 9 12.08 5.66 -21.53
N THR B 10 11.62 4.46 -21.86
CA THR B 10 12.24 3.63 -22.91
C THR B 10 11.10 2.99 -23.70
N VAL B 11 10.67 3.69 -24.74
CA VAL B 11 9.51 3.25 -25.54
C VAL B 11 10.06 2.29 -26.59
N LEU B 12 10.19 1.03 -26.20
CA LEU B 12 10.69 -0.01 -27.11
C LEU B 12 9.57 -0.43 -28.06
N GLU B 13 9.79 -0.21 -29.35
CA GLU B 13 8.82 -0.58 -30.37
C GLU B 13 8.90 -2.07 -30.68
N PRO B 14 7.91 -2.62 -31.39
CA PRO B 14 8.04 -4.00 -31.85
C PRO B 14 9.22 -4.24 -32.78
N ASP B 15 9.82 -3.18 -33.31
CA ASP B 15 11.00 -3.30 -34.17
C ASP B 15 12.27 -3.25 -33.34
N GLY C 1 -9.67 -1.73 8.52
CA GLY C 1 -8.51 -2.12 9.28
C GLY C 1 -7.20 -1.64 8.67
N SER C 2 -7.28 -1.15 7.43
CA SER C 2 -6.16 -0.63 6.65
C SER C 2 -5.22 -1.72 6.18
N MET C 3 -4.89 -2.67 7.06
CA MET C 3 -4.06 -3.81 6.66
C MET C 3 -4.81 -4.65 5.64
N LYS C 4 -4.22 -4.79 4.46
CA LYS C 4 -4.79 -5.58 3.37
C LYS C 4 -3.80 -6.64 2.92
N PHE C 5 -4.24 -7.46 1.98
CA PHE C 5 -3.50 -8.63 1.55
C PHE C 5 -2.67 -8.32 0.32
N GLN C 6 -1.56 -9.05 0.16
CA GLN C 6 -0.70 -8.88 -1.00
C GLN C 6 -1.42 -9.22 -2.30
N TYR C 7 -2.48 -10.02 -2.24
CA TYR C 7 -3.23 -10.36 -3.44
C TYR C 7 -4.04 -9.18 -3.95
N LYS C 8 -4.48 -8.29 -3.06
CA LYS C 8 -5.20 -7.11 -3.50
C LYS C 8 -4.29 -6.13 -4.22
N GLU C 9 -3.01 -6.08 -3.84
CA GLU C 9 -2.04 -5.17 -4.43
C GLU C 9 -1.33 -5.76 -5.65
N ASP C 10 -1.44 -7.07 -5.86
CA ASP C 10 -0.82 -7.71 -7.01
C ASP C 10 -1.74 -7.78 -8.23
N HIS C 11 -3.06 -7.72 -8.02
CA HIS C 11 -4.01 -7.85 -9.11
C HIS C 11 -5.05 -6.75 -9.02
N PRO C 12 -5.48 -6.20 -10.16
CA PRO C 12 -6.46 -5.11 -10.14
C PRO C 12 -7.81 -5.55 -9.61
N PHE C 13 -8.66 -4.57 -9.32
CA PHE C 13 -9.99 -4.86 -8.80
C PHE C 13 -10.89 -5.49 -9.85
N GLU C 14 -10.73 -5.12 -11.12
CA GLU C 14 -11.56 -5.70 -12.17
C GLU C 14 -11.22 -7.17 -12.39
N TYR C 15 -9.94 -7.53 -12.26
CA TYR C 15 -9.57 -8.94 -12.39
C TYR C 15 -10.06 -9.75 -11.20
N ARG C 16 -9.93 -9.21 -9.98
CA ARG C 16 -10.40 -9.92 -8.81
C ARG C 16 -11.91 -10.03 -8.76
N LYS C 17 -12.62 -9.09 -9.41
CA LYS C 17 -14.08 -9.13 -9.42
C LYS C 17 -14.60 -10.21 -10.37
N LYS C 18 -14.10 -10.22 -11.61
CA LYS C 18 -14.57 -11.19 -12.58
C LYS C 18 -14.14 -12.60 -12.21
N GLU C 19 -12.89 -12.76 -11.73
CA GLU C 19 -12.41 -14.08 -11.36
C GLU C 19 -13.24 -14.68 -10.24
N GLY C 20 -13.65 -13.85 -9.26
CA GLY C 20 -14.50 -14.34 -8.20
C GLY C 20 -15.94 -14.54 -8.62
N GLU C 21 -16.43 -13.72 -9.55
CA GLU C 21 -17.80 -13.88 -10.03
C GLU C 21 -17.97 -15.11 -10.91
N LYS C 22 -16.90 -15.62 -11.51
CA LYS C 22 -16.98 -16.83 -12.31
C LYS C 22 -16.78 -18.09 -11.48
N ILE C 23 -16.06 -17.98 -10.36
CA ILE C 23 -15.96 -19.11 -9.43
C ILE C 23 -17.28 -19.30 -8.71
N ARG C 24 -17.91 -18.20 -8.29
CA ARG C 24 -19.23 -18.28 -7.66
C ARG C 24 -20.31 -18.69 -8.65
N LYS C 25 -20.10 -18.47 -9.94
CA LYS C 25 -21.09 -18.87 -10.94
C LYS C 25 -20.98 -20.35 -11.28
N LYS C 26 -19.75 -20.83 -11.49
CA LYS C 26 -19.53 -22.24 -11.82
C LYS C 26 -19.72 -23.14 -10.61
N TYR C 27 -19.45 -22.64 -9.41
CA TYR C 27 -19.57 -23.42 -8.18
C TYR C 27 -20.44 -22.61 -7.20
N PRO C 28 -21.76 -22.72 -7.31
CA PRO C 28 -22.64 -21.94 -6.42
C PRO C 28 -22.51 -22.30 -4.96
N ASP C 29 -22.16 -23.54 -4.64
CA ASP C 29 -22.03 -24.00 -3.26
C ASP C 29 -20.58 -24.14 -2.82
N ARG C 30 -19.68 -23.39 -3.46
CA ARG C 30 -18.29 -23.29 -3.03
C ARG C 30 -17.88 -21.83 -3.01
N VAL C 31 -16.92 -21.51 -2.15
CA VAL C 31 -16.52 -20.13 -1.88
C VAL C 31 -15.05 -19.97 -2.18
N PRO C 32 -14.64 -18.92 -2.89
CA PRO C 32 -13.21 -18.65 -3.07
C PRO C 32 -12.64 -17.92 -1.86
N VAL C 33 -11.48 -18.36 -1.39
CA VAL C 33 -10.87 -17.83 -0.18
C VAL C 33 -9.39 -17.59 -0.42
N ILE C 34 -8.93 -16.37 -0.17
CA ILE C 34 -7.52 -16.02 -0.22
C ILE C 34 -6.96 -16.08 1.20
N VAL C 35 -5.84 -16.78 1.37
CA VAL C 35 -5.22 -16.97 2.67
C VAL C 35 -3.78 -16.49 2.61
N GLU C 36 -3.42 -15.57 3.49
CA GLU C 36 -2.06 -15.05 3.58
C GLU C 36 -1.67 -14.89 5.04
N LYS C 37 -0.38 -14.69 5.27
CA LYS C 37 0.15 -14.53 6.61
C LYS C 37 -0.10 -13.12 7.12
N ALA C 38 -0.34 -13.02 8.43
CA ALA C 38 -0.46 -11.72 9.06
C ALA C 38 0.88 -10.99 9.03
N PRO C 39 0.87 -9.66 8.95
CA PRO C 39 2.14 -8.92 8.85
C PRO C 39 2.96 -9.07 10.11
N LYS C 40 4.28 -9.21 9.91
CA LYS C 40 5.24 -9.35 11.01
C LYS C 40 4.88 -10.52 11.93
N ALA C 41 4.69 -11.68 11.33
CA ALA C 41 4.40 -12.91 12.04
C ALA C 41 5.51 -13.92 11.79
N ARG C 42 5.94 -14.62 12.84
N ARG C 42 5.99 -14.55 12.86
CA ARG C 42 7.05 -15.56 12.75
CA ARG C 42 7.06 -15.55 12.77
C ARG C 42 6.53 -16.94 12.41
C ARG C 42 6.55 -16.92 12.39
N VAL C 43 5.47 -17.00 11.62
CA VAL C 43 4.93 -18.26 11.14
C VAL C 43 5.35 -18.43 9.69
N PRO C 44 5.72 -19.63 9.24
CA PRO C 44 6.16 -19.80 7.85
C PRO C 44 5.14 -19.29 6.84
N ASP C 45 5.64 -18.81 5.71
CA ASP C 45 4.80 -18.28 4.64
C ASP C 45 4.18 -19.41 3.84
N LEU C 46 2.95 -19.19 3.38
CA LEU C 46 2.16 -20.20 2.68
C LEU C 46 2.28 -19.97 1.17
N ASP C 47 2.76 -20.97 0.46
CA ASP C 47 2.92 -20.89 -0.99
C ASP C 47 1.62 -21.12 -1.75
N LYS C 48 0.49 -21.26 -1.05
CA LYS C 48 -0.81 -21.43 -1.68
C LYS C 48 -1.72 -20.33 -1.18
N ARG C 49 -2.19 -19.49 -2.10
CA ARG C 49 -3.02 -18.35 -1.75
C ARG C 49 -4.50 -18.56 -2.05
N LYS C 50 -4.82 -19.19 -3.18
CA LYS C 50 -6.20 -19.34 -3.64
C LYS C 50 -6.73 -20.70 -3.21
N TYR C 51 -7.89 -20.70 -2.55
CA TYR C 51 -8.51 -21.92 -2.05
C TYR C 51 -9.98 -21.91 -2.43
N LEU C 52 -10.44 -22.98 -3.07
CA LEU C 52 -11.84 -23.17 -3.42
C LEU C 52 -12.41 -24.22 -2.49
N VAL C 53 -12.87 -23.78 -1.32
CA VAL C 53 -13.39 -24.67 -0.30
C VAL C 53 -14.92 -24.70 -0.38
N PRO C 54 -15.56 -25.81 0.01
CA PRO C 54 -17.03 -25.86 -0.05
C PRO C 54 -17.66 -24.93 0.96
N SER C 55 -18.94 -24.61 0.70
CA SER C 55 -19.65 -23.68 1.56
C SER C 55 -19.92 -24.29 2.94
N ASP C 56 -20.40 -25.52 2.98
CA ASP C 56 -20.72 -26.17 4.24
C ASP C 56 -19.49 -26.68 5.00
N LEU C 57 -18.29 -26.41 4.50
CA LEU C 57 -17.09 -26.67 5.27
C LEU C 57 -17.05 -25.75 6.49
N THR C 58 -16.46 -26.24 7.57
CA THR C 58 -16.38 -25.47 8.81
C THR C 58 -15.02 -24.80 8.93
N VAL C 59 -14.95 -23.82 9.83
CA VAL C 59 -13.69 -23.14 10.09
C VAL C 59 -12.69 -24.09 10.72
N GLY C 60 -13.15 -25.02 11.55
CA GLY C 60 -12.25 -26.00 12.14
C GLY C 60 -11.59 -26.88 11.09
N GLN C 61 -12.36 -27.32 10.10
CA GLN C 61 -11.77 -28.08 9.00
C GLN C 61 -10.86 -27.21 8.14
N PHE C 62 -11.18 -25.92 8.02
CA PHE C 62 -10.30 -25.01 7.29
C PHE C 62 -9.01 -24.76 8.05
N TYR C 63 -9.06 -24.80 9.39
CA TYR C 63 -7.84 -24.78 10.18
C TYR C 63 -6.98 -25.99 9.86
N PHE C 64 -7.60 -27.18 9.78
CA PHE C 64 -6.87 -28.39 9.44
C PHE C 64 -6.30 -28.32 8.03
N LEU C 65 -7.00 -27.65 7.11
CA LEU C 65 -6.50 -27.49 5.76
C LEU C 65 -5.30 -26.54 5.72
N ILE C 66 -5.44 -25.37 6.33
CA ILE C 66 -4.39 -24.36 6.22
C ILE C 66 -3.13 -24.82 6.94
N ARG C 67 -3.27 -25.27 8.19
CA ARG C 67 -2.10 -25.71 8.96
C ARG C 67 -1.38 -26.86 8.26
N LYS C 68 -2.11 -27.71 7.54
CA LYS C 68 -1.49 -28.81 6.82
C LYS C 68 -0.59 -28.30 5.71
N ARG C 69 -1.04 -27.27 4.97
CA ARG C 69 -0.23 -26.71 3.90
C ARG C 69 0.85 -25.77 4.42
N ILE C 70 0.73 -25.28 5.65
CA ILE C 70 1.74 -24.38 6.21
C ILE C 70 3.00 -25.16 6.54
N HIS C 71 2.88 -26.45 6.88
CA HIS C 71 3.97 -27.23 7.46
C HIS C 71 4.47 -26.55 8.74
N LEU C 72 3.50 -26.20 9.60
CA LEU C 72 3.77 -25.42 10.79
C LEU C 72 4.46 -26.26 11.86
N ARG C 73 5.27 -25.59 12.67
CA ARG C 73 5.92 -26.24 13.80
C ARG C 73 4.85 -26.72 14.78
N PRO C 74 5.00 -27.92 15.36
CA PRO C 74 3.95 -28.46 16.24
C PRO C 74 3.78 -27.68 17.54
N GLU C 75 4.73 -26.81 17.91
CA GLU C 75 4.59 -26.03 19.12
C GLU C 75 3.64 -24.84 18.93
N ASP C 76 3.56 -24.31 17.73
CA ASP C 76 2.79 -23.10 17.47
C ASP C 76 1.29 -23.40 17.41
N ALA C 77 0.50 -22.34 17.42
CA ALA C 77 -0.94 -22.41 17.29
C ALA C 77 -1.35 -21.78 15.95
N LEU C 78 -2.65 -21.60 15.76
CA LEU C 78 -3.17 -21.03 14.52
C LEU C 78 -4.38 -20.17 14.85
N PHE C 79 -4.32 -18.90 14.46
CA PHE C 79 -5.39 -17.94 14.70
C PHE C 79 -5.82 -17.34 13.37
N PHE C 80 -7.07 -17.57 13.00
CA PHE C 80 -7.63 -16.94 11.80
C PHE C 80 -8.13 -15.54 12.11
N PHE C 81 -7.98 -14.65 11.14
CA PHE C 81 -8.33 -13.25 11.29
C PHE C 81 -9.13 -12.81 10.07
N VAL C 82 -10.46 -12.81 10.19
CA VAL C 82 -11.35 -12.34 9.13
C VAL C 82 -11.85 -10.96 9.54
N ASN C 83 -11.41 -9.93 8.81
CA ASN C 83 -11.71 -8.54 9.13
C ASN C 83 -11.27 -8.19 10.56
N ASN C 84 -10.05 -8.62 10.90
CA ASN C 84 -9.46 -8.40 12.22
C ASN C 84 -10.38 -8.93 13.32
N THR C 85 -10.85 -10.17 13.13
CA THR C 85 -11.75 -10.81 14.07
C THR C 85 -11.55 -12.31 13.98
N ILE C 86 -11.23 -12.94 15.11
CA ILE C 86 -11.12 -14.39 15.17
C ILE C 86 -12.50 -14.98 14.89
N PRO C 87 -12.69 -15.65 13.75
CA PRO C 87 -14.03 -16.10 13.39
C PRO C 87 -14.45 -17.27 14.25
N PRO C 88 -15.75 -17.48 14.46
CA PRO C 88 -16.21 -18.65 15.21
C PRO C 88 -15.80 -19.94 14.51
N THR C 89 -15.23 -20.86 15.28
CA THR C 89 -14.76 -22.13 14.73
C THR C 89 -15.90 -23.05 14.31
N SER C 90 -17.14 -22.75 14.70
CA SER C 90 -18.29 -23.58 14.36
C SER C 90 -19.06 -23.06 13.15
N ALA C 91 -18.78 -21.85 12.69
CA ALA C 91 -19.49 -21.31 11.54
C ALA C 91 -18.98 -21.96 10.25
N THR C 92 -19.79 -21.89 9.22
CA THR C 92 -19.43 -22.45 7.93
C THR C 92 -18.66 -21.42 7.09
N MET C 93 -17.93 -21.92 6.09
CA MET C 93 -17.21 -21.04 5.18
C MET C 93 -18.16 -20.19 4.36
N GLY C 94 -19.34 -20.74 4.02
CA GLY C 94 -20.33 -19.95 3.31
C GLY C 94 -20.96 -18.86 4.15
N GLN C 95 -20.98 -19.06 5.48
CA GLN C 95 -21.47 -18.02 6.38
C GLN C 95 -20.41 -16.93 6.59
N LEU C 96 -19.14 -17.31 6.71
CA LEU C 96 -18.08 -16.31 6.75
C LEU C 96 -17.96 -15.59 5.41
N TYR C 97 -18.36 -16.25 4.32
CA TYR C 97 -18.29 -15.61 3.00
C TYR C 97 -19.41 -14.60 2.84
N GLU C 98 -20.67 -15.05 2.94
CA GLU C 98 -21.82 -14.17 2.75
C GLU C 98 -21.88 -13.05 3.78
N ASP C 99 -21.04 -13.08 4.82
CA ASP C 99 -21.02 -12.04 5.84
C ASP C 99 -19.75 -11.22 5.86
N ASN C 100 -18.68 -11.65 5.17
CA ASN C 100 -17.41 -10.95 5.26
C ASN C 100 -16.65 -10.88 3.94
N HIS C 101 -17.23 -11.30 2.82
CA HIS C 101 -16.52 -11.25 1.55
C HIS C 101 -16.57 -9.83 1.00
N GLU C 102 -15.43 -9.36 0.49
CA GLU C 102 -15.30 -8.00 0.03
C GLU C 102 -16.02 -7.81 -1.31
N GLU C 103 -15.90 -6.60 -1.86
CA GLU C 103 -16.58 -6.27 -3.10
C GLU C 103 -16.03 -7.03 -4.31
N ASP C 104 -14.93 -7.76 -4.14
CA ASP C 104 -14.37 -8.58 -5.21
C ASP C 104 -14.79 -10.04 -5.13
N TYR C 105 -15.75 -10.36 -4.26
CA TYR C 105 -16.28 -11.72 -4.11
C TYR C 105 -15.18 -12.70 -3.70
N PHE C 106 -14.28 -12.25 -2.83
CA PHE C 106 -13.22 -13.09 -2.29
C PHE C 106 -13.21 -12.96 -0.77
N LEU C 107 -13.07 -14.10 -0.09
CA LEU C 107 -12.99 -14.13 1.37
C LEU C 107 -11.53 -14.10 1.76
N TYR C 108 -11.10 -13.03 2.43
CA TYR C 108 -9.71 -12.86 2.83
C TYR C 108 -9.54 -13.30 4.28
N VAL C 109 -8.59 -14.20 4.50
CA VAL C 109 -8.33 -14.78 5.81
C VAL C 109 -6.83 -14.71 6.10
N ALA C 110 -6.47 -14.18 7.26
CA ALA C 110 -5.09 -14.12 7.71
C ALA C 110 -4.86 -15.15 8.80
N TYR C 111 -3.61 -15.58 8.94
CA TYR C 111 -3.25 -16.56 9.96
C TYR C 111 -1.97 -16.12 10.66
N SER C 112 -1.81 -16.58 11.89
CA SER C 112 -0.63 -16.26 12.69
C SER C 112 -0.51 -17.25 13.84
N ASP C 113 0.74 -17.54 14.20
CA ASP C 113 0.99 -18.43 15.34
C ASP C 113 0.58 -17.79 16.66
N GLU C 114 0.45 -16.46 16.70
CA GLU C 114 0.02 -15.75 17.89
C GLU C 114 -1.14 -14.83 17.51
N SER C 115 -2.05 -14.63 18.45
CA SER C 115 -3.18 -13.75 18.23
C SER C 115 -2.79 -12.32 18.64
N VAL C 116 -3.78 -11.44 18.75
CA VAL C 116 -3.56 -10.08 19.22
C VAL C 116 -3.50 -10.10 20.75
N TYR C 117 -3.52 -11.31 21.32
CA TYR C 117 -3.49 -11.51 22.78
C TYR C 117 -4.71 -10.85 23.43
N GLY C 118 -5.88 -11.08 22.82
CA GLY C 118 -7.13 -10.57 23.34
C GLY C 118 -8.23 -11.60 23.18
N LYS C 119 -9.41 -11.24 23.66
CA LYS C 119 -10.56 -12.14 23.61
C LYS C 119 -11.57 -11.68 22.57
N GLY D 1 -12.86 -34.76 0.36
CA GLY D 1 -11.72 -34.44 1.20
C GLY D 1 -10.40 -34.51 0.45
N SER D 2 -10.46 -34.28 -0.86
CA SER D 2 -9.30 -34.38 -1.73
C SER D 2 -8.82 -32.97 -2.08
N GLU D 3 -7.55 -32.69 -1.79
CA GLU D 3 -6.96 -31.38 -2.07
C GLU D 3 -6.26 -31.44 -3.42
N TYR D 4 -6.97 -31.03 -4.47
CA TYR D 4 -6.44 -31.01 -5.81
C TYR D 4 -6.04 -29.58 -6.22
N GLU D 5 -5.30 -29.49 -7.31
CA GLU D 5 -4.82 -28.22 -7.84
C GLU D 5 -5.40 -28.04 -9.24
N GLU D 6 -6.43 -27.19 -9.36
CA GLU D 6 -7.14 -26.97 -10.61
C GLU D 6 -7.11 -25.48 -10.93
N ASP D 7 -6.45 -25.12 -12.03
CA ASP D 7 -6.33 -23.73 -12.47
C ASP D 7 -5.69 -22.86 -11.40
N GLY D 8 -4.70 -23.41 -10.69
CA GLY D 8 -4.05 -22.71 -9.61
C GLY D 8 -4.84 -22.66 -8.32
N TRP D 9 -6.05 -23.22 -8.29
CA TRP D 9 -6.88 -23.22 -7.10
C TRP D 9 -6.63 -24.49 -6.30
N THR D 10 -6.45 -24.33 -4.98
CA THR D 10 -6.38 -25.47 -4.08
C THR D 10 -7.82 -25.87 -3.74
N VAL D 11 -8.45 -26.54 -4.71
CA VAL D 11 -9.85 -26.89 -4.56
C VAL D 11 -10.02 -27.95 -3.48
N LEU D 12 -11.24 -28.01 -2.91
CA LEU D 12 -11.57 -28.98 -1.88
C LEU D 12 -12.94 -29.56 -2.20
N GLU D 13 -12.96 -30.80 -2.65
CA GLU D 13 -14.22 -31.50 -2.85
C GLU D 13 -14.72 -32.06 -1.52
N PRO D 14 -16.02 -32.34 -1.42
CA PRO D 14 -16.53 -32.99 -0.20
C PRO D 14 -15.90 -34.33 0.09
N ASP D 15 -15.22 -34.93 -0.88
CA ASP D 15 -14.52 -36.21 -0.67
C ASP D 15 -13.32 -36.01 0.24
N GLY E 1 18.02 4.70 -5.35
CA GLY E 1 19.13 4.54 -4.43
C GLY E 1 19.56 3.10 -4.26
N SER E 2 20.42 2.63 -5.17
CA SER E 2 20.90 1.25 -5.10
C SER E 2 21.77 1.04 -3.86
N MET E 3 22.82 1.85 -3.72
CA MET E 3 23.68 1.78 -2.54
C MET E 3 22.94 2.32 -1.33
N LYS E 4 22.78 1.47 -0.31
CA LYS E 4 22.14 1.90 0.93
C LYS E 4 22.99 2.97 1.61
N PHE E 5 22.42 4.17 1.72
CA PHE E 5 23.15 5.28 2.34
C PHE E 5 23.44 4.98 3.80
N GLN E 6 24.58 5.50 4.27
CA GLN E 6 25.00 5.25 5.65
C GLN E 6 24.02 5.85 6.65
N TYR E 7 23.34 6.94 6.27
CA TYR E 7 22.36 7.55 7.17
C TYR E 7 21.16 6.63 7.38
N LYS E 8 20.79 5.82 6.37
CA LYS E 8 19.69 4.90 6.54
C LYS E 8 20.09 3.70 7.38
N GLU E 9 21.37 3.33 7.36
CA GLU E 9 21.86 2.19 8.13
C GLU E 9 22.15 2.55 9.58
N ASP E 10 22.33 3.83 9.88
CA ASP E 10 22.71 4.27 11.22
C ASP E 10 21.56 4.85 12.03
N HIS E 11 20.40 5.08 11.40
CA HIS E 11 19.26 5.67 12.10
C HIS E 11 18.02 4.82 11.84
N PRO E 12 17.24 4.50 12.88
CA PRO E 12 16.06 3.66 12.69
C PRO E 12 15.03 4.32 11.79
N PHE E 13 14.25 3.50 11.11
CA PHE E 13 13.25 4.02 10.18
C PHE E 13 12.16 4.79 10.93
N GLU E 14 11.80 4.34 12.14
CA GLU E 14 10.78 5.06 12.90
C GLU E 14 11.30 6.41 13.37
N TYR E 15 12.62 6.56 13.53
CA TYR E 15 13.19 7.85 13.86
C TYR E 15 13.31 8.74 12.62
N ARG E 16 13.56 8.16 11.45
CA ARG E 16 13.69 8.96 10.24
C ARG E 16 12.34 9.44 9.73
N LYS E 17 11.30 8.60 9.83
CA LYS E 17 9.99 9.02 9.36
C LYS E 17 9.35 10.04 10.29
N LYS E 18 9.60 9.93 11.60
CA LYS E 18 9.04 10.90 12.54
C LYS E 18 9.77 12.23 12.45
N GLU E 19 11.09 12.21 12.29
CA GLU E 19 11.83 13.46 12.09
C GLU E 19 11.51 14.08 10.75
N GLY E 20 11.29 13.26 9.72
CA GLY E 20 10.95 13.80 8.41
C GLY E 20 9.57 14.44 8.40
N GLU E 21 8.58 13.75 8.98
CA GLU E 21 7.24 14.31 9.05
C GLU E 21 7.15 15.50 10.00
N LYS E 22 8.06 15.60 10.97
CA LYS E 22 8.07 16.74 11.88
C LYS E 22 8.68 17.98 11.21
N ILE E 23 9.80 17.80 10.52
CA ILE E 23 10.44 18.92 9.83
C ILE E 23 9.62 19.36 8.63
N ARG E 24 8.94 18.42 7.96
CA ARG E 24 8.16 18.76 6.78
C ARG E 24 7.00 19.70 7.12
N LYS E 25 6.41 19.55 8.30
CA LYS E 25 5.31 20.42 8.70
C LYS E 25 5.76 21.62 9.51
N LYS E 26 6.89 21.52 10.21
CA LYS E 26 7.43 22.68 10.92
C LYS E 26 7.99 23.70 9.94
N TYR E 27 8.49 23.24 8.79
CA TYR E 27 9.02 24.10 7.74
C TYR E 27 8.34 23.68 6.43
N PRO E 28 7.12 24.15 6.18
CA PRO E 28 6.37 23.67 5.01
C PRO E 28 6.96 24.09 3.68
N ASP E 29 7.81 25.11 3.64
CA ASP E 29 8.39 25.61 2.40
C ASP E 29 9.84 25.16 2.20
N ARG E 30 10.31 24.18 2.97
CA ARG E 30 11.64 23.65 2.82
C ARG E 30 11.58 22.12 2.79
N VAL E 31 12.60 21.52 2.17
CA VAL E 31 12.62 20.07 1.98
C VAL E 31 13.83 19.48 2.71
N PRO E 32 13.64 18.36 3.42
CA PRO E 32 14.78 17.69 4.07
C PRO E 32 15.59 16.89 3.06
N VAL E 33 16.89 17.14 3.02
CA VAL E 33 17.79 16.51 2.06
C VAL E 33 18.99 15.96 2.80
N ILE E 34 19.39 14.73 2.46
CA ILE E 34 20.59 14.09 2.99
C ILE E 34 21.59 13.98 1.86
N VAL E 35 22.71 14.67 1.97
CA VAL E 35 23.74 14.71 0.95
C VAL E 35 24.95 13.94 1.46
N GLU E 36 25.25 12.82 0.82
CA GLU E 36 26.35 11.97 1.24
C GLU E 36 27.28 11.70 0.05
N LYS E 37 28.47 11.20 0.36
CA LYS E 37 29.47 10.94 -0.65
C LYS E 37 29.25 9.59 -1.32
N ALA E 38 29.66 9.49 -2.58
CA ALA E 38 29.58 8.24 -3.30
C ALA E 38 30.52 7.21 -2.66
N PRO E 39 30.21 5.91 -2.77
CA PRO E 39 31.06 4.89 -2.13
C PRO E 39 32.44 4.85 -2.76
N LYS E 40 33.46 5.06 -1.92
CA LYS E 40 34.87 5.02 -2.34
C LYS E 40 35.12 6.00 -3.49
N ALA E 41 34.80 7.26 -3.24
CA ALA E 41 34.97 8.33 -4.21
C ALA E 41 36.26 9.09 -3.95
N ARG E 42 36.74 9.77 -5.00
CA ARG E 42 37.96 10.55 -4.94
C ARG E 42 37.69 12.00 -4.51
N VAL E 43 36.59 12.23 -3.79
CA VAL E 43 36.23 13.57 -3.33
C VAL E 43 36.27 13.59 -1.81
N PRO E 44 36.50 14.74 -1.18
CA PRO E 44 36.55 14.79 0.28
C PRO E 44 35.18 14.51 0.90
N ASP E 45 35.21 14.24 2.20
CA ASP E 45 34.00 13.87 2.94
C ASP E 45 33.29 15.13 3.44
N LEU E 46 31.96 15.11 3.34
CA LEU E 46 31.15 16.24 3.77
C LEU E 46 30.88 16.13 5.26
N ASP E 47 31.26 17.16 6.02
CA ASP E 47 31.15 17.11 7.47
C ASP E 47 29.69 17.07 7.90
N LYS E 48 28.91 18.08 7.53
CA LYS E 48 27.48 18.12 7.80
C LYS E 48 26.72 17.59 6.59
N ARG E 49 25.73 16.74 6.83
CA ARG E 49 25.01 16.08 5.74
C ARG E 49 23.50 16.14 5.87
N LYS E 50 22.97 16.79 6.90
CA LYS E 50 21.53 16.98 7.05
C LYS E 50 21.21 18.41 6.65
N TYR E 51 20.88 18.60 5.37
CA TYR E 51 20.63 19.93 4.82
C TYR E 51 19.13 20.13 4.61
N LEU E 52 18.57 21.15 5.25
CA LEU E 52 17.18 21.55 5.05
C LEU E 52 17.19 22.75 4.13
N VAL E 53 16.96 22.52 2.85
CA VAL E 53 17.09 23.56 1.82
C VAL E 53 15.71 24.00 1.36
N PRO E 54 15.55 25.21 0.81
CA PRO E 54 14.22 25.65 0.39
C PRO E 54 13.71 24.84 -0.79
N SER E 55 12.37 24.86 -0.94
CA SER E 55 11.75 24.14 -2.03
C SER E 55 11.90 24.86 -3.35
N ASP E 56 11.87 26.19 -3.34
CA ASP E 56 12.03 26.97 -4.56
C ASP E 56 13.47 27.01 -5.04
N LEU E 57 14.43 26.59 -4.23
CA LEU E 57 15.81 26.47 -4.67
C LEU E 57 15.92 25.42 -5.77
N THR E 58 16.96 25.55 -6.59
CA THR E 58 17.16 24.65 -7.72
C THR E 58 18.35 23.74 -7.47
N VAL E 59 18.45 22.70 -8.29
CA VAL E 59 19.57 21.77 -8.18
C VAL E 59 20.86 22.44 -8.61
N GLY E 60 20.79 23.32 -9.61
CA GLY E 60 21.98 24.05 -10.03
C GLY E 60 22.55 24.90 -8.92
N GLN E 61 21.70 25.63 -8.22
CA GLN E 61 22.15 26.36 -7.04
C GLN E 61 22.60 25.41 -5.95
N PHE E 62 21.97 24.24 -5.86
CA PHE E 62 22.35 23.26 -4.83
C PHE E 62 23.75 22.71 -5.09
N TYR E 63 24.20 22.71 -6.34
CA TYR E 63 25.58 22.32 -6.64
C TYR E 63 26.56 23.30 -6.00
N PHE E 64 26.29 24.60 -6.16
CA PHE E 64 27.21 25.61 -5.64
C PHE E 64 27.21 25.64 -4.12
N LEU E 65 26.05 25.45 -3.50
CA LEU E 65 25.97 25.49 -2.04
C LEU E 65 26.70 24.30 -1.42
N ILE E 66 26.50 23.10 -1.97
CA ILE E 66 27.13 21.91 -1.40
C ILE E 66 28.63 21.91 -1.70
N ARG E 67 29.01 22.24 -2.93
CA ARG E 67 30.42 22.23 -3.30
C ARG E 67 31.24 23.19 -2.44
N LYS E 68 30.63 24.29 -2.00
CA LYS E 68 31.34 25.21 -1.11
C LYS E 68 31.72 24.52 0.19
N ARG E 69 30.82 23.72 0.74
CA ARG E 69 31.10 22.98 1.98
C ARG E 69 32.00 21.78 1.75
N ILE E 70 32.03 21.23 0.54
CA ILE E 70 32.86 20.06 0.27
C ILE E 70 34.34 20.44 0.28
N HIS E 71 34.67 21.67 -0.07
CA HIS E 71 36.05 22.09 -0.31
C HIS E 71 36.69 21.18 -1.36
N LEU E 72 35.96 20.98 -2.45
CA LEU E 72 36.37 20.06 -3.50
C LEU E 72 37.58 20.58 -4.26
N ARG E 73 38.36 19.65 -4.80
CA ARG E 73 39.50 20.02 -5.62
C ARG E 73 39.03 20.80 -6.84
N PRO E 74 39.77 21.80 -7.29
CA PRO E 74 39.29 22.62 -8.41
C PRO E 74 39.23 21.88 -9.74
N GLU E 75 40.14 20.92 -9.97
CA GLU E 75 40.15 20.20 -11.23
C GLU E 75 39.01 19.19 -11.34
N ASP E 76 38.42 18.79 -10.22
CA ASP E 76 37.39 17.76 -10.24
C ASP E 76 36.03 18.36 -10.56
N ALA E 77 35.14 17.52 -11.10
CA ALA E 77 33.78 17.91 -11.37
C ALA E 77 32.89 17.51 -10.19
N LEU E 78 31.59 17.76 -10.32
CA LEU E 78 30.63 17.44 -9.26
C LEU E 78 29.35 16.95 -9.92
N PHE E 79 29.01 15.68 -9.69
CA PHE E 79 27.78 15.09 -10.22
C PHE E 79 26.91 14.67 -9.05
N PHE E 80 25.64 15.06 -9.10
CA PHE E 80 24.66 14.61 -8.12
C PHE E 80 23.91 13.39 -8.65
N PHE E 81 23.46 12.54 -7.73
CA PHE E 81 22.78 11.29 -8.10
C PHE E 81 21.57 11.12 -7.19
N VAL E 82 20.39 11.40 -7.73
CA VAL E 82 19.13 11.10 -7.08
C VAL E 82 18.61 9.81 -7.70
N ASN E 83 18.56 8.74 -6.90
CA ASN E 83 18.24 7.40 -7.39
C ASN E 83 19.23 6.96 -8.47
N ASN E 84 20.51 7.22 -8.23
CA ASN E 84 21.59 6.90 -9.17
C ASN E 84 21.36 7.54 -10.54
N THR E 85 20.69 8.69 -10.56
CA THR E 85 20.39 9.40 -11.79
C THR E 85 20.84 10.85 -11.63
N ILE E 86 21.66 11.32 -12.57
CA ILE E 86 22.09 12.71 -12.58
C ILE E 86 20.86 13.58 -12.87
N PRO E 87 20.37 14.33 -11.89
CA PRO E 87 19.10 15.03 -12.07
C PRO E 87 19.28 16.28 -12.91
N PRO E 88 18.19 16.79 -13.50
CA PRO E 88 18.30 18.05 -14.26
C PRO E 88 18.61 19.21 -13.33
N THR E 89 19.57 20.04 -13.74
CA THR E 89 19.99 21.17 -12.91
C THR E 89 18.94 22.26 -12.84
N SER E 90 17.99 22.29 -13.78
CA SER E 90 16.94 23.30 -13.80
C SER E 90 15.74 22.90 -12.96
N ALA E 91 15.73 21.70 -12.37
CA ALA E 91 14.64 21.28 -11.50
C ALA E 91 14.83 21.83 -10.10
N THR E 92 13.72 22.06 -9.41
CA THR E 92 13.75 22.59 -8.07
C THR E 92 13.92 21.47 -7.05
N MET E 93 14.57 21.80 -5.92
CA MET E 93 14.74 20.83 -4.84
C MET E 93 13.40 20.39 -4.28
N GLY E 94 12.37 21.24 -4.36
CA GLY E 94 11.04 20.85 -3.92
C GLY E 94 10.36 19.85 -4.84
N GLN E 95 10.75 19.82 -6.11
CA GLN E 95 10.18 18.86 -7.05
C GLN E 95 10.93 17.54 -7.06
N LEU E 96 12.25 17.55 -6.86
CA LEU E 96 12.98 16.30 -6.68
C LEU E 96 12.57 15.60 -5.39
N TYR E 97 12.21 16.37 -4.36
CA TYR E 97 11.67 15.77 -3.15
C TYR E 97 10.29 15.17 -3.41
N GLU E 98 9.40 15.93 -4.05
CA GLU E 98 8.06 15.46 -4.31
C GLU E 98 8.06 14.21 -5.20
N ASP E 99 9.09 14.04 -6.02
CA ASP E 99 9.11 12.96 -7.00
C ASP E 99 10.06 11.82 -6.63
N ASN E 100 10.98 12.01 -5.69
CA ASN E 100 11.99 10.99 -5.44
C ASN E 100 12.28 10.75 -3.96
N HIS E 101 11.55 11.36 -3.03
CA HIS E 101 11.84 11.15 -1.62
C HIS E 101 11.40 9.74 -1.20
N GLU E 102 12.24 9.07 -0.41
CA GLU E 102 11.99 7.70 -0.02
C GLU E 102 10.85 7.64 0.99
N GLU E 103 10.54 6.43 1.45
CA GLU E 103 9.42 6.20 2.36
C GLU E 103 9.64 6.80 3.75
N ASP E 104 10.80 7.41 4.00
CA ASP E 104 11.07 8.08 5.27
C ASP E 104 10.96 9.60 5.16
N TYR E 105 10.40 10.11 4.06
CA TYR E 105 10.23 11.54 3.84
C TYR E 105 11.57 12.28 3.82
N PHE E 106 12.60 11.61 3.29
CA PHE E 106 13.93 12.18 3.19
C PHE E 106 14.42 12.05 1.75
N LEU E 107 14.76 13.18 1.13
CA LEU E 107 15.34 13.17 -0.20
C LEU E 107 16.84 12.90 -0.09
N TYR E 108 17.31 11.85 -0.76
CA TYR E 108 18.70 11.44 -0.69
C TYR E 108 19.44 11.87 -1.96
N VAL E 109 20.60 12.48 -1.79
CA VAL E 109 21.43 12.96 -2.88
C VAL E 109 22.86 12.52 -2.62
N ALA E 110 23.50 11.94 -3.64
CA ALA E 110 24.90 11.57 -3.59
C ALA E 110 25.71 12.49 -4.48
N TYR E 111 26.96 12.74 -4.09
CA TYR E 111 27.86 13.56 -4.88
C TYR E 111 29.14 12.79 -5.16
N SER E 112 29.73 13.06 -6.32
CA SER E 112 30.90 12.31 -6.76
C SER E 112 31.65 13.11 -7.81
N ASP E 113 32.91 12.72 -8.02
CA ASP E 113 33.71 13.33 -9.08
C ASP E 113 33.28 12.81 -10.45
N GLU E 114 33.08 11.50 -10.57
CA GLU E 114 32.63 10.90 -11.81
C GLU E 114 31.15 10.53 -11.74
N SER E 115 30.75 9.48 -12.43
CA SER E 115 29.36 9.07 -12.49
C SER E 115 29.19 7.69 -11.85
N VAL E 116 28.25 7.60 -10.90
CA VAL E 116 27.83 6.36 -10.25
C VAL E 116 28.92 5.83 -9.33
N TYR E 117 29.99 5.29 -9.89
CA TYR E 117 31.07 4.67 -9.11
C TYR E 117 32.41 5.19 -9.63
N GLY E 118 32.97 6.17 -8.93
CA GLY E 118 34.26 6.74 -9.31
C GLY E 118 34.72 7.85 -8.40
N LYS E 119 36.03 7.95 -8.21
N GLY F 1 23.75 31.27 0.42
CA GLY F 1 24.88 30.49 0.88
C GLY F 1 25.09 30.57 2.37
N SER F 2 24.34 31.44 3.04
CA SER F 2 24.41 31.54 4.49
C SER F 2 23.71 30.34 5.12
N GLU F 3 24.26 29.87 6.24
CA GLU F 3 23.78 28.66 6.88
C GLU F 3 23.81 28.81 8.39
N TYR F 4 22.80 28.23 9.05
CA TYR F 4 22.72 28.23 10.52
C TYR F 4 22.21 26.87 10.98
N GLU F 5 22.70 26.46 12.16
CA GLU F 5 22.38 25.15 12.72
C GLU F 5 21.22 25.29 13.70
N GLU F 6 20.20 24.44 13.53
CA GLU F 6 19.05 24.42 14.42
C GLU F 6 18.45 23.03 14.41
N ASP F 7 18.25 22.46 15.60
CA ASP F 7 17.64 21.13 15.76
C ASP F 7 18.45 20.06 15.02
N GLY F 8 19.77 20.22 15.00
CA GLY F 8 20.61 19.29 14.28
C GLY F 8 20.50 19.37 12.78
N TRP F 9 19.94 20.44 12.25
CA TRP F 9 19.77 20.63 10.83
C TRP F 9 20.64 21.76 10.31
N THR F 10 21.11 21.61 9.07
CA THR F 10 21.94 22.62 8.41
C THR F 10 21.05 23.35 7.41
N VAL F 11 20.38 24.41 7.88
CA VAL F 11 19.48 25.17 7.04
C VAL F 11 20.30 25.99 6.04
N LEU F 12 20.09 25.74 4.75
CA LEU F 12 20.82 26.42 3.69
C LEU F 12 19.94 27.55 3.14
N GLU F 13 20.34 28.79 3.37
CA GLU F 13 19.66 29.93 2.78
C GLU F 13 20.13 30.11 1.33
N PRO F 14 19.30 30.76 0.50
CA PRO F 14 19.66 30.89 -0.92
C PRO F 14 20.97 31.63 -1.16
N ASP F 15 21.42 32.46 -0.23
CA ASP F 15 22.63 33.25 -0.44
C ASP F 15 23.88 32.54 0.05
N GLY G 1 -17.52 1.20 -0.35
CA GLY G 1 -18.52 1.81 -1.19
C GLY G 1 -18.49 3.33 -1.19
N SER G 2 -19.62 3.94 -0.86
CA SER G 2 -19.69 5.39 -0.82
C SER G 2 -18.82 5.94 0.30
N MET G 3 -17.99 6.93 -0.04
CA MET G 3 -17.03 7.58 0.86
C MET G 3 -15.97 6.61 1.38
N LYS G 4 -15.95 5.38 0.87
CA LYS G 4 -14.95 4.36 1.21
C LYS G 4 -14.91 4.11 2.73
N PHE G 5 -15.99 3.49 3.20
CA PHE G 5 -16.08 3.03 4.58
C PHE G 5 -15.66 1.57 4.65
N GLN G 6 -14.72 1.26 5.55
CA GLN G 6 -14.17 -0.09 5.62
C GLN G 6 -15.24 -1.11 6.02
N TYR G 7 -16.17 -0.71 6.88
CA TYR G 7 -17.25 -1.63 7.26
C TYR G 7 -18.14 -1.94 6.07
N LYS G 8 -18.27 -1.01 5.12
CA LYS G 8 -19.08 -1.25 3.93
C LYS G 8 -18.33 -2.11 2.91
N GLU G 9 -16.99 -1.99 2.87
CA GLU G 9 -16.21 -2.76 1.91
C GLU G 9 -15.94 -4.18 2.39
N ASP G 10 -15.84 -4.39 3.70
CA ASP G 10 -15.52 -5.70 4.25
C ASP G 10 -16.75 -6.58 4.44
N HIS G 11 -17.95 -6.04 4.30
CA HIS G 11 -19.16 -6.80 4.50
C HIS G 11 -20.13 -6.57 3.35
N PRO G 12 -20.79 -7.62 2.86
CA PRO G 12 -21.71 -7.46 1.72
C PRO G 12 -22.91 -6.60 2.08
N PHE G 13 -23.58 -6.11 1.04
CA PHE G 13 -24.72 -5.22 1.25
C PHE G 13 -25.90 -5.95 1.90
N GLU G 14 -26.21 -7.15 1.42
CA GLU G 14 -27.35 -7.89 1.97
C GLU G 14 -27.10 -8.30 3.41
N TYR G 15 -25.83 -8.50 3.79
CA TYR G 15 -25.52 -8.78 5.19
C TYR G 15 -25.72 -7.54 6.05
N ARG G 16 -25.38 -6.37 5.52
CA ARG G 16 -25.57 -5.12 6.26
C ARG G 16 -27.04 -4.70 6.31
N LYS G 17 -27.81 -5.05 5.28
CA LYS G 17 -29.24 -4.74 5.30
C LYS G 17 -30.00 -5.66 6.24
N LYS G 18 -29.64 -6.95 6.26
CA LYS G 18 -30.30 -7.88 7.16
C LYS G 18 -29.95 -7.60 8.61
N GLU G 19 -28.65 -7.43 8.89
CA GLU G 19 -28.24 -7.08 10.26
C GLU G 19 -28.80 -5.72 10.67
N GLY G 20 -28.86 -4.78 9.73
CA GLY G 20 -29.40 -3.48 10.04
C GLY G 20 -30.89 -3.52 10.37
N GLU G 21 -31.65 -4.31 9.61
CA GLU G 21 -33.08 -4.42 9.85
C GLU G 21 -33.37 -5.14 11.17
N LYS G 22 -32.57 -6.16 11.49
CA LYS G 22 -32.81 -6.93 12.71
C LYS G 22 -32.60 -6.08 13.96
N ILE G 23 -31.46 -5.39 14.04
CA ILE G 23 -31.18 -4.55 15.19
C ILE G 23 -32.08 -3.31 15.23
N ARG G 24 -32.57 -2.88 14.07
CA ARG G 24 -33.47 -1.72 14.03
C ARG G 24 -34.81 -2.06 14.66
N LYS G 25 -35.43 -3.17 14.25
CA LYS G 25 -36.71 -3.58 14.83
C LYS G 25 -36.54 -4.06 16.26
N LYS G 26 -35.39 -4.64 16.59
CA LYS G 26 -35.14 -5.08 17.96
C LYS G 26 -35.04 -3.90 18.90
N TYR G 27 -34.36 -2.82 18.48
CA TYR G 27 -34.23 -1.59 19.25
C TYR G 27 -34.79 -0.46 18.40
N PRO G 28 -36.11 -0.24 18.44
CA PRO G 28 -36.70 0.79 17.56
C PRO G 28 -36.25 2.19 17.87
N ASP G 29 -35.95 2.50 19.13
CA ASP G 29 -35.56 3.84 19.54
C ASP G 29 -34.06 3.97 19.79
N ARG G 30 -33.26 3.12 19.15
CA ARG G 30 -31.81 3.24 19.17
C ARG G 30 -31.29 3.04 17.76
N VAL G 31 -30.49 4.00 17.29
CA VAL G 31 -30.04 4.03 15.90
C VAL G 31 -28.67 3.35 15.78
N PRO G 32 -28.47 2.50 14.78
CA PRO G 32 -27.14 1.92 14.55
C PRO G 32 -26.26 2.91 13.80
N VAL G 33 -25.10 3.22 14.37
CA VAL G 33 -24.18 4.21 13.84
C VAL G 33 -22.82 3.56 13.64
N ILE G 34 -22.26 3.72 12.45
CA ILE G 34 -20.92 3.26 12.15
C ILE G 34 -19.99 4.46 12.22
N VAL G 35 -18.96 4.37 13.05
CA VAL G 35 -18.02 5.47 13.27
C VAL G 35 -16.64 5.01 12.82
N GLU G 36 -16.08 5.72 11.84
CA GLU G 36 -14.75 5.44 11.32
C GLU G 36 -13.98 6.74 11.16
N LYS G 37 -12.67 6.62 11.00
CA LYS G 37 -11.80 7.77 10.85
C LYS G 37 -11.76 8.24 9.40
N ALA G 38 -11.59 9.54 9.22
CA ALA G 38 -11.38 10.09 7.89
C ALA G 38 -10.13 9.48 7.26
N PRO G 39 -10.08 9.35 5.92
CA PRO G 39 -8.95 8.69 5.28
C PRO G 39 -7.61 9.36 5.55
N LYS G 40 -6.75 8.67 6.31
CA LYS G 40 -5.37 9.10 6.57
C LYS G 40 -5.32 10.47 7.25
N ALA G 41 -6.16 10.64 8.27
CA ALA G 41 -6.18 11.87 9.04
C ALA G 41 -5.18 11.80 10.18
N ARG G 42 -4.88 12.97 10.76
CA ARG G 42 -3.92 13.07 11.85
C ARG G 42 -4.65 12.91 13.19
N VAL G 43 -5.17 11.70 13.39
CA VAL G 43 -5.96 11.38 14.57
C VAL G 43 -5.91 9.87 14.78
N PRO G 44 -5.77 9.39 16.02
CA PRO G 44 -5.72 7.94 16.25
C PRO G 44 -7.00 7.25 15.78
N ASP G 45 -6.83 6.05 15.24
CA ASP G 45 -7.96 5.29 14.73
C ASP G 45 -8.77 4.70 15.89
N LEU G 46 -10.08 4.65 15.70
CA LEU G 46 -11.01 4.20 16.74
C LEU G 46 -11.20 2.70 16.61
N ASP G 47 -10.91 1.98 17.69
CA ASP G 47 -11.08 0.52 17.68
C ASP G 47 -12.56 0.13 17.58
N LYS G 48 -13.44 0.95 18.15
CA LYS G 48 -14.88 0.67 18.14
C LYS G 48 -15.52 1.34 16.93
N ARG G 49 -16.22 0.54 16.12
CA ARG G 49 -16.85 1.06 14.91
C ARG G 49 -18.34 0.76 14.81
N LYS G 50 -18.86 -0.26 15.51
CA LYS G 50 -20.28 -0.60 15.47
C LYS G 50 -20.94 0.01 16.71
N TYR G 51 -21.37 1.25 16.59
CA TYR G 51 -22.02 1.96 17.68
C TYR G 51 -23.53 1.80 17.62
N LEU G 52 -24.18 2.03 18.76
CA LEU G 52 -25.62 1.91 18.89
C LEU G 52 -26.07 2.90 19.97
N VAL G 53 -26.50 4.08 19.54
CA VAL G 53 -26.82 5.17 20.46
C VAL G 53 -28.32 5.42 20.44
N PRO G 54 -28.89 6.05 21.47
CA PRO G 54 -30.34 6.32 21.47
C PRO G 54 -30.74 7.28 20.36
N SER G 55 -32.05 7.40 20.18
CA SER G 55 -32.59 8.24 19.10
C SER G 55 -32.69 9.70 19.48
N ASP G 56 -32.62 10.04 20.77
CA ASP G 56 -32.65 11.43 21.21
C ASP G 56 -31.32 11.88 21.80
N LEU G 57 -30.28 11.05 21.71
CA LEU G 57 -28.94 11.48 22.10
C LEU G 57 -28.45 12.54 21.12
N THR G 58 -28.08 13.71 21.64
CA THR G 58 -27.67 14.79 20.77
C THR G 58 -26.31 14.49 20.15
N VAL G 59 -26.03 15.15 19.03
CA VAL G 59 -24.74 15.00 18.36
C VAL G 59 -23.61 15.50 19.25
N GLY G 60 -23.88 16.58 20.00
CA GLY G 60 -22.86 17.08 20.92
C GLY G 60 -22.49 16.07 21.99
N GLN G 61 -23.48 15.34 22.50
CA GLN G 61 -23.18 14.25 23.44
C GLN G 61 -22.38 13.15 22.74
N PHE G 62 -22.74 12.84 21.49
CA PHE G 62 -22.01 11.82 20.75
C PHE G 62 -20.58 12.23 20.47
N TYR G 63 -20.30 13.54 20.42
CA TYR G 63 -18.93 14.00 20.30
C TYR G 63 -18.09 13.58 21.51
N PHE G 64 -18.63 13.80 22.71
CA PHE G 64 -17.89 13.47 23.92
C PHE G 64 -17.72 11.96 24.08
N LEU G 65 -18.71 11.18 23.67
CA LEU G 65 -18.59 9.73 23.72
C LEU G 65 -17.51 9.23 22.77
N ILE G 66 -17.54 9.71 21.52
CA ILE G 66 -16.56 9.27 20.53
C ILE G 66 -15.16 9.73 20.94
N ARG G 67 -15.02 11.01 21.28
CA ARG G 67 -13.71 11.56 21.63
C ARG G 67 -13.11 10.84 22.83
N LYS G 68 -13.95 10.33 23.74
CA LYS G 68 -13.45 9.60 24.89
C LYS G 68 -12.71 8.34 24.47
N ARG G 69 -13.35 7.52 23.62
CA ARG G 69 -12.72 6.29 23.17
C ARG G 69 -11.59 6.53 22.18
N ILE G 70 -11.55 7.71 21.55
CA ILE G 70 -10.43 8.02 20.67
C ILE G 70 -9.15 8.25 21.46
N HIS G 71 -9.27 8.73 22.70
CA HIS G 71 -8.13 9.22 23.48
C HIS G 71 -7.42 10.34 22.71
N LEU G 72 -8.21 11.28 22.21
CA LEU G 72 -7.72 12.32 21.33
C LEU G 72 -6.81 13.28 22.08
N ARG G 73 -5.87 13.87 21.34
CA ARG G 73 -5.00 14.89 21.91
C ARG G 73 -5.83 16.07 22.41
N PRO G 74 -5.44 16.69 23.52
CA PRO G 74 -6.21 17.85 24.01
C PRO G 74 -6.07 19.09 23.15
N GLU G 75 -4.99 19.21 22.39
CA GLU G 75 -4.77 20.38 21.55
C GLU G 75 -5.56 20.33 20.24
N ASP G 76 -6.14 19.18 19.90
CA ASP G 76 -6.81 19.01 18.62
C ASP G 76 -8.33 19.06 18.80
N ALA G 77 -9.01 19.36 17.68
CA ALA G 77 -10.46 19.41 17.64
C ALA G 77 -11.01 18.10 17.10
N LEU G 78 -12.33 18.05 16.92
CA LEU G 78 -12.98 16.85 16.42
C LEU G 78 -14.21 17.27 15.63
N PHE G 79 -14.25 16.91 14.35
CA PHE G 79 -15.35 17.23 13.45
C PHE G 79 -16.01 15.94 12.98
N PHE G 80 -17.33 15.87 13.09
CA PHE G 80 -18.08 14.76 12.53
C PHE G 80 -18.50 15.10 11.10
N PHE G 81 -18.50 14.08 10.24
CA PHE G 81 -18.86 14.22 8.83
C PHE G 81 -19.91 13.18 8.50
N VAL G 82 -21.12 13.64 8.19
CA VAL G 82 -22.24 12.77 7.83
C VAL G 82 -22.71 13.20 6.45
N ASN G 83 -22.44 12.37 5.44
CA ASN G 83 -22.82 12.63 4.05
C ASN G 83 -22.22 13.95 3.56
N ASN G 84 -20.91 14.11 3.80
CA ASN G 84 -20.15 15.28 3.36
C ASN G 84 -20.74 16.58 3.92
N THR G 85 -21.24 16.50 5.15
CA THR G 85 -21.83 17.66 5.81
C THR G 85 -21.66 17.50 7.32
N ILE G 86 -20.99 18.45 7.94
CA ILE G 86 -20.80 18.44 9.38
C ILE G 86 -22.17 18.61 10.04
N PRO G 87 -22.63 17.62 10.81
CA PRO G 87 -23.99 17.70 11.34
C PRO G 87 -24.09 18.75 12.43
N PRO G 88 -25.27 19.35 12.61
CA PRO G 88 -25.42 20.35 13.66
C PRO G 88 -25.31 19.74 15.05
N THR G 89 -24.86 20.55 16.00
CA THR G 89 -24.65 20.07 17.36
C THR G 89 -25.98 19.88 18.09
N SER G 90 -26.95 20.77 17.84
CA SER G 90 -28.25 20.73 18.51
C SER G 90 -29.24 19.79 17.83
N ALA G 91 -28.76 18.71 17.22
CA ALA G 91 -29.62 17.74 16.57
C ALA G 91 -29.48 16.38 17.26
N THR G 92 -30.49 15.53 17.07
CA THR G 92 -30.49 14.21 17.65
C THR G 92 -29.91 13.19 16.67
N MET G 93 -29.29 12.14 17.22
CA MET G 93 -28.81 11.05 16.39
C MET G 93 -29.95 10.33 15.68
N GLY G 94 -31.17 10.43 16.21
CA GLY G 94 -32.32 9.85 15.53
C GLY G 94 -32.75 10.62 14.31
N GLN G 95 -32.59 11.96 14.34
CA GLN G 95 -32.83 12.75 13.14
C GLN G 95 -31.68 12.62 12.16
N LEU G 96 -30.45 12.52 12.66
CA LEU G 96 -29.31 12.24 11.78
C LEU G 96 -29.48 10.90 11.08
N TYR G 97 -30.08 9.93 11.75
CA TYR G 97 -30.35 8.64 11.11
C TYR G 97 -31.54 8.74 10.16
N GLU G 98 -32.64 9.38 10.61
CA GLU G 98 -33.85 9.46 9.81
C GLU G 98 -33.62 10.16 8.47
N ASP G 99 -32.60 11.01 8.37
CA ASP G 99 -32.36 11.78 7.16
C ASP G 99 -31.09 11.40 6.42
N ASN G 100 -30.17 10.66 7.05
CA ASN G 100 -28.87 10.41 6.45
C ASN G 100 -28.43 8.94 6.56
N HIS G 101 -29.38 8.01 6.73
CA HIS G 101 -29.02 6.60 6.78
C HIS G 101 -29.13 5.99 5.39
N GLU G 102 -28.16 5.16 5.03
CA GLU G 102 -28.06 4.61 3.69
C GLU G 102 -29.05 3.46 3.53
N GLU G 103 -28.98 2.76 2.39
CA GLU G 103 -29.92 1.68 2.10
C GLU G 103 -29.70 0.45 2.97
N ASP G 104 -28.61 0.39 3.73
CA ASP G 104 -28.36 -0.70 4.65
C ASP G 104 -28.87 -0.40 6.06
N TYR G 105 -29.61 0.69 6.23
CA TYR G 105 -30.17 1.10 7.53
C TYR G 105 -29.07 1.35 8.56
N PHE G 106 -27.98 1.96 8.12
CA PHE G 106 -26.89 2.36 8.98
C PHE G 106 -26.63 3.85 8.85
N LEU G 107 -26.17 4.47 9.93
CA LEU G 107 -25.80 5.88 9.96
C LEU G 107 -24.29 5.97 10.01
N TYR G 108 -23.67 6.28 8.87
CA TYR G 108 -22.23 6.36 8.79
C TYR G 108 -21.75 7.74 9.24
N VAL G 109 -20.69 7.74 10.06
CA VAL G 109 -20.14 8.97 10.64
C VAL G 109 -18.63 8.89 10.57
N ALA G 110 -18.01 9.89 9.96
CA ALA G 110 -16.56 10.02 9.94
C ALA G 110 -16.13 11.10 10.93
N TYR G 111 -14.87 11.01 11.37
CA TYR G 111 -14.34 11.98 12.31
C TYR G 111 -12.91 12.33 11.91
N SER G 112 -12.52 13.58 12.20
CA SER G 112 -11.17 14.05 11.91
C SER G 112 -10.93 15.33 12.68
N ASP G 113 -9.66 15.58 13.01
CA ASP G 113 -9.29 16.81 13.69
C ASP G 113 -9.34 18.03 12.77
N GLU G 114 -9.55 17.83 11.48
CA GLU G 114 -9.60 18.91 10.51
C GLU G 114 -10.85 18.76 9.65
N SER G 115 -11.29 19.89 9.07
CA SER G 115 -12.46 19.91 8.19
C SER G 115 -12.03 19.46 6.80
N VAL G 116 -12.05 18.14 6.58
CA VAL G 116 -11.62 17.57 5.31
C VAL G 116 -12.78 17.33 4.36
N TYR G 117 -14.00 17.71 4.75
CA TYR G 117 -15.16 17.47 3.89
C TYR G 117 -15.09 18.25 2.58
N GLY G 118 -14.33 19.33 2.53
CA GLY G 118 -14.19 20.10 1.31
C GLY G 118 -13.06 19.60 0.43
N LYS G 119 -11.82 19.80 0.86
CA LYS G 119 -10.66 19.36 0.10
C LYS G 119 -9.45 19.18 1.01
N GLY H 1 -26.71 6.06 30.18
CA GLY H 1 -25.63 6.25 31.14
C GLY H 1 -24.23 6.11 30.55
N SER H 2 -23.69 4.89 30.62
CA SER H 2 -22.31 4.66 30.18
C SER H 2 -22.27 3.86 28.88
N GLU H 3 -21.33 2.92 28.78
CA GLU H 3 -21.12 2.16 27.55
C GLU H 3 -20.73 0.74 27.91
N TYR H 4 -21.47 -0.23 27.38
CA TYR H 4 -21.15 -1.64 27.55
C TYR H 4 -21.20 -2.35 26.21
N GLU H 5 -20.35 -3.36 26.07
CA GLU H 5 -20.29 -4.16 24.85
C GLU H 5 -21.37 -5.21 24.86
N GLU H 6 -22.26 -5.18 23.87
CA GLU H 6 -23.36 -6.14 23.78
C GLU H 6 -23.66 -6.48 22.34
N ASP H 7 -23.91 -7.77 22.10
CA ASP H 7 -24.42 -8.28 20.82
C ASP H 7 -23.49 -7.93 19.66
N GLY H 8 -22.19 -7.90 19.93
CA GLY H 8 -21.20 -7.66 18.90
C GLY H 8 -21.05 -6.18 18.64
N TRP H 9 -22.08 -5.41 19.00
CA TRP H 9 -22.02 -3.96 18.86
C TRP H 9 -20.98 -3.39 19.81
N THR H 10 -19.95 -2.75 19.26
CA THR H 10 -18.82 -2.31 20.05
C THR H 10 -19.23 -1.35 21.16
N VAL H 11 -20.28 -0.57 20.94
CA VAL H 11 -20.76 0.39 21.94
C VAL H 11 -22.29 0.37 21.94
N LEU H 12 -22.88 0.27 23.11
CA LEU H 12 -24.33 0.37 23.28
C LEU H 12 -24.61 1.44 24.32
N GLU H 13 -25.07 2.61 23.87
CA GLU H 13 -25.38 3.72 24.76
C GLU H 13 -26.82 3.62 25.21
N PRO H 14 -27.09 3.42 26.51
CA PRO H 14 -28.48 3.35 26.97
C PRO H 14 -28.98 4.71 27.43
N ASP H 15 -28.59 5.07 28.65
CA ASP H 15 -28.90 6.37 29.23
C ASP H 15 -27.85 6.72 30.27
S SO4 I . 21.53 -0.11 -24.03
O1 SO4 I . 21.78 -0.89 -25.30
O2 SO4 I . 22.75 -0.18 -23.17
O3 SO4 I . 20.37 -0.71 -23.31
O4 SO4 I . 21.23 1.31 -24.38
C1 GOL J . -2.85 -9.79 14.10
O1 GOL J . -1.80 -8.89 13.87
C2 GOL J . -4.05 -9.37 13.28
O2 GOL J . -4.33 -8.02 13.53
C3 GOL J . -3.80 -9.62 11.80
O3 GOL J . -4.99 -9.32 11.10
C1 GOL K . 17.31 0.02 5.98
O1 GOL K . 17.99 -0.09 4.75
C2 GOL K . 15.83 0.15 5.72
O2 GOL K . 15.15 0.00 6.95
C3 GOL K . 15.52 1.50 5.08
O3 GOL K . 14.12 1.57 4.90
S SO4 L . -10.83 2.04 24.56
O1 SO4 L . -11.01 2.14 23.08
O2 SO4 L . -9.41 2.33 24.92
O3 SO4 L . -11.73 3.03 25.24
O4 SO4 L . -11.19 0.65 25.02
#